data_1FCC
#
_entry.id   1FCC
#
_cell.length_a   110.600
_cell.length_b   110.600
_cell.length_c   160.300
_cell.angle_alpha   90.00
_cell.angle_beta   90.00
_cell.angle_gamma   90.00
#
_symmetry.space_group_name_H-M   'P 43 21 2'
#
loop_
_entity.id
_entity.type
_entity.pdbx_description
1 polymer 'IGG1 MO61 FC'
2 polymer 'STREPTOCOCCAL PROTEIN G (C2 FRAGMENT)'
#
loop_
_entity_poly.entity_id
_entity_poly.type
_entity_poly.pdbx_seq_one_letter_code
_entity_poly.pdbx_strand_id
1 'polypeptide(L)'
;PSVFLFPPKPKDTLMISRTPEVTCVVVDVSHEDPQVKFNWYVDGVQVHNAKTKPREQQYNSTYRVVSVLTVLHQNWLDGK
EYKCKVSNKALPAPIEKTISKAKGQPREPQVYTLPPSREEMTKNQVSLTCLVKGFYPSDIAVEWESNGQPENNYKTTPPV
LDSDGSFFLYSKLTVDKSRWQQGNVFSCSVMHEALHNHYTQKSLSL
;
A,B
2 'polypeptide(L)' TTYKLVINGKTLKGETTTEAVDAATAEKVFKQYANDNGVDGEWTYDDATKTFTVTE C,D
#
# COMPACT_ATOMS: atom_id res chain seq x y z
N PRO A 1 32.43 -3.18 5.90
CA PRO A 1 31.40 -2.29 6.45
C PRO A 1 30.63 -1.71 5.26
N SER A 2 29.57 -0.94 5.54
CA SER A 2 28.80 -0.32 4.46
C SER A 2 28.07 0.99 4.80
N VAL A 3 27.91 1.81 3.76
CA VAL A 3 27.25 3.11 3.84
C VAL A 3 25.83 3.03 3.27
N PHE A 4 24.92 3.88 3.77
CA PHE A 4 23.52 3.87 3.34
C PHE A 4 22.92 5.27 3.40
N LEU A 5 22.52 5.77 2.24
CA LEU A 5 21.97 7.12 2.12
C LEU A 5 20.49 7.22 2.21
N PHE A 6 19.97 8.26 2.85
CA PHE A 6 18.52 8.40 2.93
C PHE A 6 18.00 9.81 2.69
N PRO A 7 16.96 9.93 1.86
CA PRO A 7 16.27 11.15 1.46
C PRO A 7 15.31 11.64 2.55
N PRO A 8 15.01 12.95 2.55
CA PRO A 8 14.13 13.63 3.50
C PRO A 8 12.74 13.05 3.41
N LYS A 9 11.94 13.23 4.45
CA LYS A 9 10.59 12.71 4.45
C LYS A 9 9.78 13.73 3.73
N PRO A 10 9.07 13.32 2.69
CA PRO A 10 8.20 14.13 1.85
C PRO A 10 7.61 15.35 2.51
N LYS A 11 7.05 15.15 3.69
CA LYS A 11 6.44 16.26 4.41
C LYS A 11 7.50 17.26 4.86
N ASP A 12 8.68 16.79 5.24
CA ASP A 12 9.74 17.70 5.65
C ASP A 12 10.23 18.63 4.52
N THR A 13 9.93 18.30 3.25
CA THR A 13 10.41 19.11 2.16
C THR A 13 9.33 19.97 1.61
N LEU A 14 8.11 19.50 1.73
CA LEU A 14 7.00 20.25 1.19
C LEU A 14 6.46 21.34 2.10
N MET A 15 6.73 21.25 3.40
CA MET A 15 6.27 22.30 4.30
C MET A 15 7.47 23.15 4.69
N ILE A 16 7.41 24.44 4.42
CA ILE A 16 8.51 25.32 4.74
C ILE A 16 8.90 25.27 6.21
N SER A 17 7.94 25.37 7.12
CA SER A 17 8.27 25.39 8.54
C SER A 17 9.00 24.17 9.06
N ARG A 18 9.28 23.21 8.17
CA ARG A 18 9.98 22.02 8.59
C ARG A 18 11.46 21.95 8.20
N THR A 19 12.04 20.76 8.37
CA THR A 19 13.43 20.54 8.09
C THR A 19 13.73 19.31 7.33
N PRO A 20 14.24 19.50 6.12
CA PRO A 20 14.59 18.36 5.27
C PRO A 20 15.97 17.95 5.76
N GLU A 21 16.16 16.64 5.97
CA GLU A 21 17.43 16.09 6.43
C GLU A 21 17.78 14.94 5.56
N VAL A 22 19.04 14.85 5.11
CA VAL A 22 19.49 13.69 4.33
C VAL A 22 20.33 12.89 5.35
N THR A 23 20.01 11.61 5.52
CA THR A 23 20.67 10.78 6.51
C THR A 23 21.68 9.77 6.00
N CYS A 24 22.93 9.91 6.42
CA CYS A 24 23.98 8.98 6.02
C CYS A 24 24.21 8.02 7.18
N VAL A 25 24.06 6.72 6.91
CA VAL A 25 24.22 5.69 7.91
C VAL A 25 25.30 4.67 7.58
N VAL A 26 26.28 4.54 8.48
CA VAL A 26 27.40 3.60 8.34
C VAL A 26 27.19 2.39 9.25
N VAL A 27 27.46 1.22 8.67
CA VAL A 27 27.23 -0.06 9.32
C VAL A 27 28.37 -1.08 9.24
N ASP A 28 28.36 -2.00 10.20
CA ASP A 28 29.39 -3.05 10.36
C ASP A 28 30.62 -2.30 10.92
N VAL A 29 30.38 -1.34 11.80
CA VAL A 29 31.49 -0.55 12.26
C VAL A 29 32.66 -1.18 12.99
N SER A 30 32.45 -2.31 13.67
CA SER A 30 33.56 -2.95 14.42
C SER A 30 34.04 -2.09 15.59
N HIS A 31 35.00 -2.64 16.32
CA HIS A 31 35.50 -1.91 17.45
C HIS A 31 36.88 -1.27 17.36
N GLU A 32 37.78 -1.81 16.55
CA GLU A 32 39.11 -1.20 16.47
C GLU A 32 39.21 -0.12 15.41
N ASP A 33 38.18 -0.03 14.58
CA ASP A 33 38.22 0.99 13.54
C ASP A 33 36.88 1.70 13.39
N PRO A 34 36.59 2.64 14.33
CA PRO A 34 35.35 3.43 14.34
C PRO A 34 35.50 4.88 13.86
N GLN A 35 36.71 5.30 13.48
CA GLN A 35 36.86 6.70 13.03
C GLN A 35 36.40 6.81 11.56
N VAL A 36 35.10 7.05 11.41
CA VAL A 36 34.50 7.16 10.09
C VAL A 36 34.27 8.61 9.74
N LYS A 37 35.24 9.24 9.08
CA LYS A 37 35.13 10.67 8.72
C LYS A 37 34.01 11.00 7.70
N PHE A 38 33.35 12.13 7.92
CA PHE A 38 32.26 12.52 7.06
C PHE A 38 32.39 13.67 6.09
N ASN A 39 32.13 13.37 4.83
CA ASN A 39 32.16 14.40 3.79
C ASN A 39 30.86 14.55 2.98
N TRP A 40 30.33 15.76 3.04
CA TRP A 40 29.10 16.03 2.33
C TRP A 40 29.31 17.17 1.37
N TYR A 41 28.91 16.90 0.13
CA TYR A 41 29.02 17.90 -0.90
C TYR A 41 27.66 18.09 -1.54
N VAL A 42 27.22 19.33 -1.57
CA VAL A 42 25.94 19.65 -2.18
C VAL A 42 26.19 20.01 -3.64
N ASP A 43 25.63 19.18 -4.51
CA ASP A 43 25.70 19.38 -5.95
C ASP A 43 27.16 19.65 -6.35
N GLY A 44 28.09 19.07 -5.60
CA GLY A 44 29.48 19.28 -5.95
C GLY A 44 30.34 20.00 -4.93
N VAL A 45 29.95 21.21 -4.58
CA VAL A 45 30.72 21.93 -3.58
C VAL A 45 30.56 21.19 -2.26
N GLN A 46 31.57 21.29 -1.41
CA GLN A 46 31.51 20.64 -0.11
C GLN A 46 30.90 21.61 0.83
N VAL A 47 29.96 21.07 1.61
CA VAL A 47 29.22 21.79 2.63
C VAL A 47 29.75 21.21 3.93
N HIS A 48 30.65 21.99 4.55
CA HIS A 48 31.32 21.60 5.80
C HIS A 48 30.44 21.47 6.98
N ASN A 49 30.26 22.56 7.69
CA ASN A 49 29.42 22.48 8.87
C ASN A 49 27.99 22.72 8.38
N ALA A 50 27.65 22.20 7.17
CA ALA A 50 26.30 22.39 6.57
C ALA A 50 25.23 22.35 7.66
N LYS A 51 25.58 21.55 8.66
CA LYS A 51 24.90 21.33 9.92
C LYS A 51 25.86 20.23 10.19
N THR A 52 25.57 19.08 9.58
CA THR A 52 26.49 17.99 9.72
C THR A 52 26.69 17.57 11.20
N LYS A 53 26.05 16.48 11.59
CA LYS A 53 26.10 16.00 12.96
C LYS A 53 26.20 14.45 13.00
N PRO A 54 27.01 13.87 13.92
CA PRO A 54 27.17 12.39 14.05
C PRO A 54 26.73 11.83 15.42
N ARG A 55 27.33 10.71 15.88
CA ARG A 55 27.10 10.04 17.22
C ARG A 55 27.10 8.49 17.34
N GLU A 56 28.00 7.95 18.19
CA GLU A 56 28.17 6.48 18.35
C GLU A 56 26.96 5.70 18.91
N GLN A 57 26.71 4.53 18.30
CA GLN A 57 25.60 3.61 18.62
C GLN A 57 26.14 2.15 18.57
N GLN A 58 26.37 1.61 19.75
CA GLN A 58 26.96 0.32 19.97
C GLN A 58 25.93 -0.79 20.02
N TYR A 59 26.19 -1.87 19.25
CA TYR A 59 25.31 -3.08 19.18
C TYR A 59 25.82 -4.21 18.28
N ASN A 60 25.14 -5.37 18.38
CA ASN A 60 25.50 -6.56 17.57
C ASN A 60 26.88 -7.00 18.05
N SER A 61 27.88 -6.35 17.46
CA SER A 61 29.29 -6.54 17.75
C SER A 61 30.06 -5.57 16.83
N THR A 62 29.30 -4.62 16.24
CA THR A 62 29.84 -3.59 15.35
C THR A 62 29.18 -2.25 15.75
N TYR A 63 29.80 -1.14 15.41
CA TYR A 63 29.20 0.16 15.77
C TYR A 63 28.27 0.58 14.62
N ARG A 64 27.77 1.81 14.66
CA ARG A 64 26.93 2.33 13.57
C ARG A 64 26.90 3.86 13.60
N VAL A 65 27.90 4.45 12.93
CA VAL A 65 28.07 5.89 12.88
C VAL A 65 27.00 6.48 11.99
N VAL A 66 26.40 7.59 12.39
CA VAL A 66 25.40 8.26 11.57
C VAL A 66 25.53 9.78 11.53
N SER A 67 25.57 10.33 10.33
CA SER A 67 25.67 11.77 10.19
C SER A 67 24.39 12.21 9.50
N VAL A 68 23.99 13.46 9.66
CA VAL A 68 22.76 13.93 9.05
C VAL A 68 22.90 15.35 8.54
N LEU A 69 22.70 15.57 7.24
CA LEU A 69 22.81 16.92 6.66
C LEU A 69 21.48 17.62 6.45
N THR A 70 21.28 18.77 7.09
CA THR A 70 20.00 19.50 6.89
C THR A 70 19.97 20.09 5.48
N VAL A 71 19.02 19.62 4.69
CA VAL A 71 18.89 20.06 3.31
C VAL A 71 18.12 21.35 3.16
N LEU A 72 18.06 21.85 1.93
CA LEU A 72 17.36 23.07 1.60
C LEU A 72 16.14 22.65 0.81
N HIS A 73 14.98 23.01 1.32
CA HIS A 73 13.72 22.67 0.67
C HIS A 73 13.77 22.82 -0.84
N GLN A 74 14.10 24.02 -1.31
CA GLN A 74 14.15 24.27 -2.75
C GLN A 74 15.21 23.51 -3.57
N ASN A 75 16.36 23.23 -2.97
CA ASN A 75 17.38 22.50 -3.72
C ASN A 75 16.92 21.07 -4.02
N TRP A 76 16.55 20.35 -2.97
CA TRP A 76 16.10 18.96 -3.10
C TRP A 76 14.98 18.94 -4.10
N LEU A 77 14.12 19.93 -3.95
CA LEU A 77 12.95 20.09 -4.79
C LEU A 77 13.28 20.49 -6.20
N ASP A 78 14.51 20.93 -6.38
CA ASP A 78 14.96 21.30 -7.71
C ASP A 78 15.92 20.22 -8.22
N GLY A 79 15.94 19.11 -7.52
CA GLY A 79 16.80 18.03 -7.93
C GLY A 79 18.26 18.38 -7.86
N LYS A 80 18.73 18.60 -6.64
CA LYS A 80 20.15 18.85 -6.41
C LYS A 80 20.73 17.50 -5.98
N GLU A 81 22.05 17.36 -5.99
CA GLU A 81 22.65 16.08 -5.61
C GLU A 81 23.28 16.01 -4.24
N TYR A 82 22.81 15.10 -3.39
CA TYR A 82 23.41 14.99 -2.06
C TYR A 82 24.46 13.86 -1.92
N LYS A 83 25.68 14.25 -1.53
CA LYS A 83 26.78 13.30 -1.42
C LYS A 83 27.31 12.98 -0.02
N CYS A 84 27.27 11.70 0.31
CA CYS A 84 27.80 11.24 1.58
C CYS A 84 29.09 10.51 1.24
N LYS A 85 30.18 11.01 1.81
CA LYS A 85 31.53 10.50 1.61
C LYS A 85 32.10 9.98 2.95
N VAL A 86 32.14 8.66 3.06
CA VAL A 86 32.60 7.96 4.24
C VAL A 86 34.03 7.50 4.02
N SER A 87 34.88 7.67 5.04
CA SER A 87 36.28 7.23 4.99
C SER A 87 36.67 6.77 6.41
N ASN A 88 37.59 5.82 6.51
CA ASN A 88 38.02 5.29 7.82
C ASN A 88 39.13 4.28 7.54
N LYS A 89 40.13 4.19 8.43
CA LYS A 89 41.23 3.28 8.13
C LYS A 89 40.94 1.81 7.79
N ALA A 90 39.80 1.29 8.23
CA ALA A 90 39.41 -0.10 7.95
C ALA A 90 39.05 -0.31 6.46
N LEU A 91 39.28 0.69 5.64
CA LEU A 91 38.91 0.59 4.24
C LEU A 91 40.09 1.05 3.37
N PRO A 92 40.15 0.57 2.11
CA PRO A 92 41.24 0.96 1.20
C PRO A 92 41.01 2.36 0.65
N ALA A 93 39.76 2.65 0.33
CA ALA A 93 39.45 3.95 -0.25
C ALA A 93 38.03 4.44 -0.02
N PRO A 94 37.84 5.77 -0.07
CA PRO A 94 36.58 6.47 0.13
C PRO A 94 35.39 5.89 -0.64
N ILE A 95 34.28 5.72 0.08
CA ILE A 95 33.05 5.24 -0.54
C ILE A 95 32.19 6.49 -0.71
N GLU A 96 31.39 6.50 -1.77
CA GLU A 96 30.50 7.63 -2.05
C GLU A 96 29.14 7.30 -2.60
N LYS A 97 28.10 7.58 -1.82
CA LYS A 97 26.74 7.33 -2.31
C LYS A 97 26.13 8.69 -2.62
N THR A 98 25.40 8.76 -3.73
CA THR A 98 24.72 10.00 -4.10
C THR A 98 23.26 9.66 -3.97
N ILE A 99 22.43 10.68 -4.10
CA ILE A 99 21.02 10.46 -3.97
C ILE A 99 20.37 11.68 -4.53
N SER A 100 19.20 11.49 -5.12
CA SER A 100 18.50 12.62 -5.72
C SER A 100 16.99 12.44 -5.67
N LYS A 101 16.28 13.54 -5.91
CA LYS A 101 14.85 13.46 -5.90
C LYS A 101 14.44 12.89 -7.24
N ALA A 102 13.52 11.94 -7.16
CA ALA A 102 12.96 11.30 -8.33
C ALA A 102 12.90 12.28 -9.50
N LYS A 103 13.06 11.75 -10.71
CA LYS A 103 13.05 12.59 -11.91
C LYS A 103 11.90 12.24 -12.83
N GLY A 104 11.26 13.28 -13.34
CA GLY A 104 10.16 13.11 -14.26
C GLY A 104 9.32 14.37 -14.23
N GLN A 105 8.60 14.66 -15.32
CA GLN A 105 7.77 15.84 -15.29
C GLN A 105 6.72 15.48 -14.24
N PRO A 106 6.50 16.37 -13.27
CA PRO A 106 5.55 16.23 -12.17
C PRO A 106 4.11 16.41 -12.61
N ARG A 107 3.24 15.48 -12.21
CA ARG A 107 1.85 15.62 -12.59
C ARG A 107 1.07 16.04 -11.38
N GLU A 108 0.45 17.20 -11.47
CA GLU A 108 -0.37 17.69 -10.37
C GLU A 108 -1.43 16.66 -10.03
N PRO A 109 -1.60 16.38 -8.75
CA PRO A 109 -2.59 15.41 -8.32
C PRO A 109 -3.94 16.03 -8.24
N GLN A 110 -4.94 15.18 -8.40
CA GLN A 110 -6.33 15.59 -8.29
C GLN A 110 -6.79 15.03 -6.93
N VAL A 111 -7.54 15.85 -6.15
CA VAL A 111 -8.03 15.48 -4.80
C VAL A 111 -9.55 15.47 -4.64
N TYR A 112 -10.21 14.31 -4.74
CA TYR A 112 -11.68 14.20 -4.57
C TYR A 112 -11.98 13.65 -3.20
N THR A 113 -13.17 13.92 -2.67
CA THR A 113 -13.52 13.38 -1.38
C THR A 113 -14.86 12.72 -1.47
N LEU A 114 -15.00 11.57 -0.80
CA LEU A 114 -16.25 10.83 -0.79
C LEU A 114 -16.67 10.51 0.64
N PRO A 115 -17.94 10.66 0.95
CA PRO A 115 -18.54 10.41 2.24
C PRO A 115 -18.74 8.93 2.39
N PRO A 116 -19.24 8.47 3.54
CA PRO A 116 -19.46 7.07 3.78
C PRO A 116 -20.55 6.48 2.92
N SER A 117 -20.57 5.17 2.92
CA SER A 117 -21.55 4.44 2.17
C SER A 117 -22.86 4.58 2.90
N ARG A 118 -23.95 4.61 2.16
CA ARG A 118 -25.25 4.68 2.79
C ARG A 118 -25.33 3.46 3.71
N GLU A 119 -24.68 2.36 3.31
CA GLU A 119 -24.68 1.13 4.11
C GLU A 119 -23.80 1.07 5.33
N GLU A 120 -22.74 1.85 5.38
CA GLU A 120 -21.87 1.79 6.55
C GLU A 120 -22.45 2.67 7.69
N MET A 121 -23.55 3.37 7.43
CA MET A 121 -24.16 4.27 8.43
C MET A 121 -24.84 3.56 9.56
N THR A 122 -25.26 2.34 9.26
CA THR A 122 -25.91 1.43 10.21
C THR A 122 -25.04 1.26 11.46
N LYS A 123 -23.76 1.51 11.30
CA LYS A 123 -22.80 1.36 12.37
C LYS A 123 -22.55 2.59 13.28
N ASN A 124 -21.58 2.38 14.18
CA ASN A 124 -21.13 3.31 15.22
C ASN A 124 -20.09 4.37 14.83
N GLN A 125 -19.21 4.02 13.91
CA GLN A 125 -18.20 4.94 13.41
C GLN A 125 -18.22 4.74 11.89
N VAL A 126 -18.16 5.84 11.12
CA VAL A 126 -18.13 5.76 9.67
C VAL A 126 -16.83 6.26 9.09
N SER A 127 -16.61 5.93 7.84
CA SER A 127 -15.36 6.29 7.21
C SER A 127 -15.40 7.37 6.13
N LEU A 128 -14.65 8.46 6.34
CA LEU A 128 -14.54 9.53 5.35
C LEU A 128 -13.35 9.17 4.47
N THR A 129 -13.56 9.06 3.16
CA THR A 129 -12.50 8.73 2.22
C THR A 129 -12.04 9.97 1.48
N CYS A 130 -10.73 10.06 1.20
CA CYS A 130 -10.12 11.18 0.48
C CYS A 130 -9.23 10.67 -0.65
N LEU A 131 -9.68 10.76 -1.90
CA LEU A 131 -8.92 10.30 -3.07
C LEU A 131 -7.92 11.34 -3.58
N VAL A 132 -6.73 10.86 -3.98
CA VAL A 132 -5.69 11.71 -4.53
C VAL A 132 -5.11 10.89 -5.65
N LYS A 133 -5.60 11.08 -6.87
CA LYS A 133 -5.13 10.30 -8.03
C LYS A 133 -4.45 11.08 -9.11
N GLY A 134 -3.77 10.34 -9.97
CA GLY A 134 -3.08 10.96 -11.06
C GLY A 134 -1.98 11.89 -10.64
N PHE A 135 -0.92 11.38 -10.03
CA PHE A 135 0.16 12.26 -9.64
C PHE A 135 1.50 11.60 -9.79
N TYR A 136 2.54 12.42 -9.78
CA TYR A 136 3.89 11.94 -9.85
C TYR A 136 4.67 13.16 -9.57
N PRO A 137 5.80 13.01 -8.89
CA PRO A 137 6.34 11.73 -8.42
C PRO A 137 5.48 11.13 -7.29
N SER A 138 5.78 9.92 -6.84
CA SER A 138 5.00 9.33 -5.75
C SER A 138 5.17 9.93 -4.35
N ASP A 139 6.13 10.83 -4.16
CA ASP A 139 6.35 11.47 -2.85
C ASP A 139 5.19 12.43 -2.54
N ILE A 140 4.38 12.17 -1.52
CA ILE A 140 3.27 13.05 -1.19
C ILE A 140 2.84 12.80 0.22
N ALA A 141 2.02 13.68 0.76
CA ALA A 141 1.56 13.45 2.11
C ALA A 141 0.22 14.08 2.39
N VAL A 142 -0.69 13.29 2.96
CA VAL A 142 -2.03 13.77 3.26
C VAL A 142 -2.21 13.91 4.73
N GLU A 143 -3.17 14.74 5.13
CA GLU A 143 -3.54 14.98 6.53
C GLU A 143 -5.03 15.29 6.49
N TRP A 144 -5.67 15.25 7.65
CA TRP A 144 -7.08 15.57 7.77
C TRP A 144 -7.22 16.59 8.90
N GLU A 145 -8.33 17.30 8.92
CA GLU A 145 -8.62 18.29 9.96
C GLU A 145 -10.09 18.57 9.88
N SER A 146 -10.70 18.91 11.01
CA SER A 146 -12.10 19.30 11.03
C SER A 146 -11.98 20.82 11.29
N ASN A 147 -12.88 21.46 12.01
CA ASN A 147 -12.75 22.90 12.19
C ASN A 147 -11.45 23.33 12.84
N GLY A 148 -10.55 23.80 11.95
CA GLY A 148 -9.22 24.31 12.30
C GLY A 148 -8.32 23.37 13.12
N GLN A 149 -8.91 22.24 13.53
CA GLN A 149 -8.20 21.27 14.32
C GLN A 149 -8.05 19.98 13.57
N PRO A 150 -6.93 19.29 13.81
CA PRO A 150 -6.54 18.02 13.21
C PRO A 150 -7.08 16.78 13.86
N GLU A 151 -7.71 15.94 13.05
CA GLU A 151 -8.22 14.68 13.53
C GLU A 151 -6.97 13.83 13.53
N ASN A 152 -7.07 12.62 14.04
CA ASN A 152 -5.92 11.76 14.06
C ASN A 152 -6.27 10.41 13.54
N ASN A 153 -7.38 9.87 14.04
CA ASN A 153 -7.79 8.53 13.65
C ASN A 153 -8.01 8.42 12.16
N TYR A 154 -6.93 8.28 11.40
CA TYR A 154 -7.01 8.16 9.96
C TYR A 154 -5.85 7.31 9.50
N LYS A 155 -5.93 6.75 8.30
CA LYS A 155 -4.85 5.94 7.73
C LYS A 155 -4.67 6.26 6.26
N THR A 156 -3.47 6.08 5.74
CA THR A 156 -3.24 6.43 4.37
C THR A 156 -2.47 5.43 3.57
N THR A 157 -3.10 4.80 2.59
CA THR A 157 -2.45 3.80 1.79
C THR A 157 -1.35 4.42 0.98
N PRO A 158 -0.21 3.74 0.88
CA PRO A 158 0.95 4.18 0.14
C PRO A 158 0.56 4.39 -1.30
N PRO A 159 1.34 5.17 -2.04
CA PRO A 159 1.06 5.44 -3.43
C PRO A 159 1.23 4.16 -4.18
N VAL A 160 0.35 3.98 -5.16
CA VAL A 160 0.31 2.82 -6.07
C VAL A 160 0.43 3.39 -7.47
N LEU A 161 1.04 2.64 -8.37
CA LEU A 161 1.20 3.08 -9.74
C LEU A 161 -0.06 2.81 -10.52
N ASP A 162 -0.60 3.84 -11.17
CA ASP A 162 -1.82 3.70 -11.95
C ASP A 162 -1.40 3.40 -13.37
N SER A 163 -2.36 2.93 -14.16
CA SER A 163 -2.16 2.54 -15.56
C SER A 163 -1.74 3.62 -16.56
N ASP A 164 -1.79 4.90 -16.15
CA ASP A 164 -1.39 5.97 -17.04
C ASP A 164 -0.10 6.63 -16.61
N GLY A 165 0.73 5.88 -15.88
CA GLY A 165 1.99 6.45 -15.46
C GLY A 165 1.84 7.34 -14.24
N SER A 166 0.63 7.82 -13.96
CA SER A 166 0.42 8.66 -12.78
C SER A 166 0.21 7.75 -11.57
N PHE A 167 0.24 8.33 -10.37
CA PHE A 167 0.07 7.57 -9.13
C PHE A 167 -1.31 7.83 -8.50
N PHE A 168 -1.68 7.04 -7.49
CA PHE A 168 -2.95 7.22 -6.80
C PHE A 168 -2.85 6.67 -5.39
N LEU A 169 -3.37 7.39 -4.40
CA LEU A 169 -3.35 6.91 -3.01
C LEU A 169 -4.73 7.20 -2.45
N TYR A 170 -5.16 6.40 -1.47
CA TYR A 170 -6.46 6.56 -0.80
C TYR A 170 -6.08 6.82 0.63
N SER A 171 -6.82 7.68 1.32
CA SER A 171 -6.56 7.99 2.72
C SER A 171 -7.88 8.02 3.47
N LYS A 172 -8.05 7.14 4.46
CA LYS A 172 -9.32 7.00 5.18
C LYS A 172 -9.37 7.48 6.67
N LEU A 173 -10.17 8.55 6.95
CA LEU A 173 -10.37 9.15 8.29
C LEU A 173 -11.66 8.66 8.91
N THR A 174 -11.62 8.28 10.18
CA THR A 174 -12.80 7.74 10.87
C THR A 174 -13.46 8.61 11.90
N VAL A 175 -14.75 8.39 12.12
CA VAL A 175 -15.50 9.16 13.11
C VAL A 175 -16.70 8.48 13.74
N ASP A 176 -17.06 8.89 14.95
CA ASP A 176 -18.24 8.33 15.58
C ASP A 176 -19.30 8.80 14.63
N LYS A 177 -20.31 7.98 14.38
CA LYS A 177 -21.31 8.40 13.45
C LYS A 177 -21.92 9.73 13.80
N SER A 178 -21.94 10.09 15.07
CA SER A 178 -22.57 11.35 15.44
C SER A 178 -22.01 12.60 14.75
N ARG A 179 -20.72 12.86 14.90
CA ARG A 179 -20.13 14.05 14.27
C ARG A 179 -20.50 14.09 12.78
N TRP A 180 -20.46 12.94 12.13
CA TRP A 180 -20.74 12.90 10.71
C TRP A 180 -22.13 13.40 10.43
N GLN A 181 -23.04 13.06 11.33
CA GLN A 181 -24.43 13.44 11.20
C GLN A 181 -24.70 14.84 11.74
N GLN A 182 -24.00 15.21 12.80
CA GLN A 182 -24.19 16.51 13.41
C GLN A 182 -24.06 17.54 12.29
N GLY A 183 -23.29 17.18 11.26
CA GLY A 183 -23.09 18.05 10.12
C GLY A 183 -21.69 18.64 10.05
N ASN A 184 -20.74 18.03 10.75
CA ASN A 184 -19.36 18.48 10.75
C ASN A 184 -18.66 18.58 9.41
N VAL A 185 -17.76 19.55 9.28
CA VAL A 185 -17.00 19.81 8.06
C VAL A 185 -15.64 19.15 8.13
N PHE A 186 -15.47 17.97 7.56
CA PHE A 186 -14.14 17.37 7.60
C PHE A 186 -13.34 17.89 6.43
N SER A 187 -12.02 17.79 6.52
CA SER A 187 -11.23 18.35 5.46
C SER A 187 -9.92 17.66 5.30
N CYS A 188 -9.72 17.08 4.12
CA CYS A 188 -8.53 16.32 3.77
C CYS A 188 -7.53 17.18 3.06
N SER A 189 -6.49 17.62 3.75
CA SER A 189 -5.47 18.46 3.12
C SER A 189 -4.51 17.55 2.39
N VAL A 190 -4.10 17.93 1.18
CA VAL A 190 -3.14 17.12 0.43
C VAL A 190 -1.97 18.04 0.21
N MET A 191 -0.77 17.51 0.35
CA MET A 191 0.44 18.30 0.15
C MET A 191 1.27 17.72 -0.96
N HIS A 192 1.59 18.52 -1.96
CA HIS A 192 2.36 17.96 -3.02
C HIS A 192 3.21 18.92 -3.79
N GLU A 193 4.32 18.41 -4.30
CA GLU A 193 5.22 19.19 -5.11
C GLU A 193 4.50 19.85 -6.28
N ALA A 194 3.56 19.15 -6.89
CA ALA A 194 2.92 19.70 -8.06
C ALA A 194 1.84 20.72 -7.89
N LEU A 195 1.17 20.75 -6.75
CA LEU A 195 0.08 21.72 -6.58
C LEU A 195 0.50 23.16 -6.47
N HIS A 196 -0.47 24.04 -6.64
CA HIS A 196 -0.19 25.45 -6.54
C HIS A 196 0.02 25.66 -5.07
N ASN A 197 1.16 26.21 -4.68
CA ASN A 197 1.46 26.49 -3.29
C ASN A 197 1.82 25.26 -2.51
N HIS A 198 2.13 24.16 -3.20
CA HIS A 198 2.52 22.94 -2.51
C HIS A 198 1.40 22.55 -1.53
N TYR A 199 0.14 22.85 -1.89
CA TYR A 199 -0.93 22.57 -0.98
C TYR A 199 -2.32 22.75 -1.55
N THR A 200 -3.28 22.06 -0.97
CA THR A 200 -4.68 22.14 -1.35
C THR A 200 -5.40 21.62 -0.15
N GLN A 201 -6.72 21.49 -0.21
CA GLN A 201 -7.41 21.02 0.94
C GLN A 201 -8.80 21.05 0.46
N LYS A 202 -9.38 19.88 0.26
CA LYS A 202 -10.74 19.91 -0.21
C LYS A 202 -11.64 19.47 0.91
N SER A 203 -12.80 20.11 1.02
CA SER A 203 -13.70 19.77 2.09
C SER A 203 -14.46 18.47 2.00
N LEU A 204 -15.52 18.42 2.77
CA LEU A 204 -16.31 17.24 2.82
C LEU A 204 -17.27 17.47 3.98
N SER A 205 -18.56 17.53 3.69
CA SER A 205 -19.54 17.70 4.73
C SER A 205 -20.84 17.05 4.35
N LEU A 206 -21.68 16.83 5.33
CA LEU A 206 -22.96 16.18 5.12
C LEU A 206 -23.82 17.00 4.16
N THR B 1 2.34 31.38 20.15
CA THR B 1 1.17 31.62 19.26
C THR B 1 1.35 32.89 18.42
N THR B 2 0.45 33.11 17.45
CA THR B 2 0.49 34.30 16.58
C THR B 2 1.58 34.40 15.48
N TYR B 3 1.24 33.97 14.26
CA TYR B 3 2.17 34.04 13.13
C TYR B 3 1.59 34.96 12.09
N LYS B 4 2.44 35.76 11.44
CA LYS B 4 1.98 36.67 10.40
C LYS B 4 2.57 36.33 9.03
N LEU B 5 1.76 36.51 7.97
CA LEU B 5 2.15 36.22 6.58
C LEU B 5 2.39 37.45 5.74
N VAL B 6 3.42 37.37 4.92
CA VAL B 6 3.79 38.47 4.05
C VAL B 6 3.58 38.05 2.59
N ILE B 7 2.62 38.66 1.91
CA ILE B 7 2.38 38.35 0.51
C ILE B 7 2.98 39.40 -0.44
N ASN B 8 4.13 39.08 -1.06
CA ASN B 8 4.77 39.96 -2.05
C ASN B 8 4.40 39.31 -3.36
N GLY B 9 3.10 39.29 -3.67
CA GLY B 9 2.68 38.64 -4.89
C GLY B 9 2.34 39.61 -5.98
N LYS B 10 2.25 39.12 -7.21
CA LYS B 10 1.88 39.97 -8.36
C LYS B 10 0.60 40.72 -8.01
N THR B 11 0.59 42.02 -8.21
CA THR B 11 -0.67 42.72 -8.01
C THR B 11 -1.49 42.38 -6.72
N LEU B 12 -0.77 42.12 -5.64
CA LEU B 12 -1.31 41.89 -4.30
C LEU B 12 -0.17 41.94 -3.32
N LYS B 13 -0.06 43.08 -2.65
CA LYS B 13 0.96 43.28 -1.64
C LYS B 13 0.24 43.43 -0.31
N GLY B 14 0.77 42.81 0.75
CA GLY B 14 0.13 42.91 2.05
C GLY B 14 0.54 41.93 3.16
N GLU B 15 -0.20 41.98 4.28
CA GLU B 15 0.09 41.11 5.41
C GLU B 15 -1.08 40.77 6.33
N THR B 16 -0.98 39.59 6.94
CA THR B 16 -2.01 39.09 7.84
C THR B 16 -1.47 38.23 8.97
N THR B 17 -2.33 37.98 9.95
CA THR B 17 -2.00 37.21 11.14
C THR B 17 -2.93 36.04 11.44
N THR B 18 -2.43 35.07 12.20
CA THR B 18 -3.25 33.96 12.59
C THR B 18 -2.87 33.36 13.91
N GLU B 19 -3.91 32.98 14.63
CA GLU B 19 -3.79 32.39 15.94
C GLU B 19 -3.59 30.92 15.65
N ALA B 20 -2.48 30.37 16.12
CA ALA B 20 -2.24 28.95 15.89
C ALA B 20 -1.45 28.26 17.01
N VAL B 21 -1.42 26.93 16.94
CA VAL B 21 -0.67 26.13 17.89
C VAL B 21 0.78 26.21 17.42
N ASP B 22 1.20 25.19 16.65
CA ASP B 22 2.53 25.05 16.07
C ASP B 22 2.69 25.89 14.81
N ALA B 23 3.91 26.10 14.36
CA ALA B 23 4.13 26.91 13.15
C ALA B 23 3.51 26.24 11.95
N ALA B 24 3.59 24.92 11.91
CA ALA B 24 3.04 24.22 10.80
C ALA B 24 1.52 24.44 10.71
N THR B 25 0.82 24.77 11.79
CA THR B 25 -0.61 25.00 11.60
C THR B 25 -0.85 26.47 11.38
N ALA B 26 0.19 27.10 10.87
CA ALA B 26 0.15 28.48 10.51
C ALA B 26 0.28 28.31 9.04
N GLU B 27 1.33 27.60 8.65
CA GLU B 27 1.60 27.34 7.25
C GLU B 27 0.33 26.88 6.58
N LYS B 28 -0.29 25.81 7.07
CA LYS B 28 -1.53 25.34 6.45
C LYS B 28 -2.65 26.41 6.43
N VAL B 29 -2.70 27.29 7.43
CA VAL B 29 -3.71 28.33 7.46
C VAL B 29 -3.37 29.36 6.35
N PHE B 30 -2.28 30.12 6.53
CA PHE B 30 -1.88 31.10 5.53
C PHE B 30 -1.87 30.50 4.14
N LYS B 31 -1.12 29.42 3.95
CA LYS B 31 -1.04 28.82 2.66
C LYS B 31 -2.39 28.67 2.02
N GLN B 32 -3.44 28.40 2.78
CA GLN B 32 -4.77 28.28 2.19
C GLN B 32 -5.26 29.65 1.76
N TYR B 33 -5.05 30.63 2.64
CA TYR B 33 -5.44 32.02 2.36
C TYR B 33 -4.83 32.34 1.01
N ALA B 34 -3.56 31.93 0.84
CA ALA B 34 -2.79 32.13 -0.38
C ALA B 34 -3.43 31.58 -1.65
N ASN B 35 -4.10 30.44 -1.58
CA ASN B 35 -4.74 29.94 -2.77
C ASN B 35 -6.16 30.45 -2.84
N ASP B 36 -6.67 30.96 -1.74
CA ASP B 36 -8.00 31.50 -1.76
C ASP B 36 -7.94 32.80 -2.51
N ASN B 37 -6.72 33.35 -2.61
CA ASN B 37 -6.47 34.62 -3.27
C ASN B 37 -5.74 34.57 -4.60
N GLY B 38 -5.23 33.41 -4.97
CA GLY B 38 -4.56 33.30 -6.25
C GLY B 38 -3.13 33.77 -6.20
N VAL B 39 -2.51 33.62 -5.03
CA VAL B 39 -1.11 33.95 -4.84
C VAL B 39 -0.47 32.60 -5.05
N ASP B 40 0.71 32.57 -5.62
CA ASP B 40 1.37 31.29 -5.82
C ASP B 40 2.82 31.64 -5.90
N GLY B 41 3.61 31.13 -4.96
CA GLY B 41 5.03 31.47 -4.96
C GLY B 41 5.93 30.60 -4.13
N GLU B 42 7.02 31.19 -3.66
CA GLU B 42 7.95 30.43 -2.83
C GLU B 42 7.71 30.84 -1.41
N TRP B 43 7.95 29.95 -0.47
CA TRP B 43 7.70 30.30 0.90
C TRP B 43 8.94 30.25 1.86
N THR B 44 8.81 31.02 2.95
CA THR B 44 9.83 31.14 3.98
C THR B 44 9.24 31.43 5.34
N TYR B 45 10.02 31.03 6.36
CA TYR B 45 9.63 31.25 7.73
C TYR B 45 10.62 32.28 8.31
N ASP B 46 10.90 32.20 9.62
CA ASP B 46 11.85 33.08 10.34
C ASP B 46 11.41 33.16 11.80
N ASP B 47 11.61 32.06 12.55
CA ASP B 47 11.21 32.03 13.95
C ASP B 47 11.60 33.25 14.79
N ALA B 48 12.67 33.92 14.34
CA ALA B 48 13.16 35.11 14.98
C ALA B 48 11.97 36.05 15.01
N THR B 49 11.26 36.05 13.89
CA THR B 49 10.09 36.89 13.72
C THR B 49 8.76 36.18 13.65
N LYS B 50 8.76 34.85 13.65
CA LYS B 50 7.52 34.08 13.55
C LYS B 50 6.74 34.52 12.34
N THR B 51 7.46 34.67 11.23
CA THR B 51 6.86 35.14 10.00
C THR B 51 7.00 34.18 8.83
N PHE B 52 6.14 34.43 7.83
CA PHE B 52 6.05 33.68 6.60
C PHE B 52 6.14 34.66 5.45
N THR B 53 6.67 34.20 4.32
CA THR B 53 6.81 35.02 3.14
C THR B 53 6.47 34.36 1.79
N VAL B 54 5.47 34.90 1.09
CA VAL B 54 5.06 34.45 -0.23
C VAL B 54 5.63 35.40 -1.28
N THR B 55 6.40 34.86 -2.20
CA THR B 55 7.00 35.69 -3.22
C THR B 55 6.61 35.15 -4.56
N GLU B 56 5.59 35.74 -5.16
CA GLU B 56 5.15 35.26 -6.46
C GLU B 56 6.33 35.50 -7.37
N PRO C 1 24.84 -21.64 -0.23
CA PRO C 1 23.59 -21.56 -1.01
C PRO C 1 22.46 -21.29 0.00
N SER C 2 21.24 -21.08 -0.51
CA SER C 2 20.10 -20.84 0.37
C SER C 2 18.72 -21.25 -0.14
N VAL C 3 17.86 -21.59 0.80
CA VAL C 3 16.48 -22.02 0.54
C VAL C 3 15.50 -20.89 0.84
N PHE C 4 14.36 -20.86 0.14
CA PHE C 4 13.34 -19.81 0.31
C PHE C 4 11.94 -20.33 0.08
N LEU C 5 11.12 -20.27 1.12
CA LEU C 5 9.76 -20.79 1.07
C LEU C 5 8.72 -19.80 0.70
N PHE C 6 7.71 -20.21 -0.07
CA PHE C 6 6.65 -19.26 -0.42
C PHE C 6 5.25 -19.83 -0.35
N PRO C 7 4.33 -19.08 0.27
CA PRO C 7 2.91 -19.37 0.47
C PRO C 7 2.10 -19.13 -0.79
N PRO C 8 0.94 -19.82 -0.92
CA PRO C 8 0.01 -19.74 -2.04
C PRO C 8 -0.52 -18.33 -2.17
N LYS C 9 -1.01 -17.98 -3.34
CA LYS C 9 -1.53 -16.66 -3.56
C LYS C 9 -2.93 -16.69 -3.06
N PRO C 10 -3.28 -15.79 -2.16
CA PRO C 10 -4.57 -15.65 -1.52
C PRO C 10 -5.75 -16.12 -2.33
N LYS C 11 -5.80 -15.70 -3.59
CA LYS C 11 -6.89 -16.08 -4.46
C LYS C 11 -6.84 -17.59 -4.76
N ASP C 12 -5.65 -18.15 -4.90
CA ASP C 12 -5.53 -19.58 -5.16
C ASP C 12 -6.06 -20.46 -3.99
N THR C 13 -6.23 -19.88 -2.80
CA THR C 13 -6.68 -20.69 -1.66
C THR C 13 -8.11 -20.43 -1.37
N LEU C 14 -8.57 -19.24 -1.69
CA LEU C 14 -9.94 -18.91 -1.40
C LEU C 14 -10.93 -19.35 -2.44
N MET C 15 -10.48 -19.62 -3.66
CA MET C 15 -11.41 -20.09 -4.68
C MET C 15 -11.15 -21.58 -4.88
N ILE C 16 -12.18 -22.40 -4.69
CA ILE C 16 -12.03 -23.82 -4.86
C ILE C 16 -11.51 -24.22 -6.22
N SER C 17 -12.08 -23.68 -7.30
CA SER C 17 -11.64 -24.09 -8.63
C SER C 17 -10.17 -23.82 -8.94
N ARG C 18 -9.44 -23.28 -7.98
CA ARG C 18 -8.03 -23.01 -8.20
C ARG C 18 -7.06 -23.99 -7.56
N THR C 19 -5.79 -23.60 -7.54
CA THR C 19 -4.74 -24.43 -7.01
C THR C 19 -3.77 -23.72 -6.15
N PRO C 20 -3.75 -24.09 -4.88
CA PRO C 20 -2.84 -23.49 -3.93
C PRO C 20 -1.53 -24.25 -4.13
N GLU C 21 -0.42 -23.51 -4.24
CA GLU C 21 0.90 -24.10 -4.44
C GLU C 21 1.84 -23.47 -3.45
N VAL C 22 2.67 -24.27 -2.79
CA VAL C 22 3.68 -23.73 -1.89
C VAL C 22 4.99 -23.89 -2.69
N THR C 23 5.73 -22.79 -2.85
CA THR C 23 6.94 -22.80 -3.66
C THR C 23 8.26 -22.77 -2.93
N CYS C 24 9.06 -23.82 -3.12
CA CYS C 24 10.38 -23.90 -2.50
C CYS C 24 11.42 -23.52 -3.54
N VAL C 25 12.22 -22.50 -3.23
CA VAL C 25 13.23 -21.99 -4.14
C VAL C 25 14.64 -22.05 -3.57
N VAL C 26 15.54 -22.76 -4.27
CA VAL C 26 16.95 -22.91 -3.88
C VAL C 26 17.83 -22.02 -4.75
N VAL C 27 18.77 -21.35 -4.07
CA VAL C 27 19.65 -20.37 -4.70
C VAL C 27 21.13 -20.49 -4.36
N ASP C 28 21.95 -19.94 -5.26
CA ASP C 28 23.43 -19.98 -5.18
C ASP C 28 23.80 -21.43 -5.54
N VAL C 29 23.08 -22.02 -6.49
CA VAL C 29 23.32 -23.41 -6.78
C VAL C 29 24.68 -23.88 -7.25
N SER C 30 25.47 -23.02 -7.89
CA SER C 30 26.80 -23.46 -8.42
C SER C 30 26.68 -24.52 -9.52
N HIS C 31 27.83 -24.91 -10.03
CA HIS C 31 27.83 -25.88 -11.08
C HIS C 31 28.26 -27.30 -10.77
N GLU C 32 29.13 -27.50 -9.78
CA GLU C 32 29.55 -28.87 -9.50
C GLU C 32 28.68 -29.57 -8.49
N ASP C 33 27.79 -28.81 -7.86
CA ASP C 33 26.91 -29.43 -6.89
C ASP C 33 25.47 -28.95 -7.01
N PRO C 34 24.75 -29.48 -8.05
CA PRO C 34 23.34 -29.12 -8.31
C PRO C 34 22.32 -30.18 -7.89
N GLN C 35 22.75 -31.30 -7.31
CA GLN C 35 21.77 -32.32 -6.90
C GLN C 35 21.15 -31.92 -5.56
N VAL C 36 20.08 -31.13 -5.65
CA VAL C 36 19.38 -30.64 -4.47
C VAL C 36 18.12 -31.44 -4.25
N LYS C 37 18.21 -32.50 -3.44
CA LYS C 37 17.04 -33.36 -3.19
C LYS C 37 15.89 -32.70 -2.41
N PHE C 38 14.66 -33.01 -2.80
CA PHE C 38 13.52 -32.40 -2.17
C PHE C 38 12.60 -33.20 -1.27
N ASN C 39 12.45 -32.67 -0.05
CA ASN C 39 11.55 -33.29 0.93
C ASN C 39 10.46 -32.37 1.47
N TRP C 40 9.23 -32.83 1.27
CA TRP C 40 8.09 -32.07 1.72
C TRP C 40 7.25 -32.90 2.65
N TYR C 41 6.97 -32.30 3.81
CA TYR C 41 6.16 -32.97 4.79
C TYR C 41 5.02 -32.04 5.16
N VAL C 42 3.80 -32.58 5.04
CA VAL C 42 2.64 -31.82 5.40
C VAL C 42 2.30 -32.09 6.85
N ASP C 43 2.38 -31.03 7.65
CA ASP C 43 2.06 -31.08 9.07
C ASP C 43 2.77 -32.28 9.72
N GLY C 44 3.94 -32.63 9.18
CA GLY C 44 4.67 -33.74 9.76
C GLY C 44 4.87 -34.95 8.89
N VAL C 45 3.79 -35.53 8.40
CA VAL C 45 3.95 -36.68 7.53
C VAL C 45 4.59 -36.19 6.25
N GLN C 46 5.33 -37.08 5.60
CA GLN C 46 5.98 -36.72 4.33
C GLN C 46 5.00 -37.03 3.24
N VAL C 47 4.88 -36.07 2.35
CA VAL C 47 4.03 -36.14 1.17
C VAL C 47 5.03 -36.24 0.01
N HIS C 48 5.16 -37.49 -0.47
CA HIS C 48 6.08 -37.83 -1.55
C HIS C 48 5.78 -37.22 -2.86
N ASN C 49 4.99 -37.91 -3.65
CA ASN C 49 4.68 -37.36 -4.95
C ASN C 49 3.46 -36.45 -4.74
N ALA C 50 3.42 -35.73 -3.60
CA ALA C 50 2.29 -34.83 -3.25
C ALA C 50 1.78 -34.13 -4.52
N LYS C 51 2.74 -33.95 -5.41
CA LYS C 51 2.65 -33.41 -6.76
C LYS C 51 4.14 -33.38 -6.80
N THR C 52 4.68 -32.34 -6.20
CA THR C 52 6.11 -32.24 -6.11
C THR C 52 6.79 -32.27 -7.50
N LYS C 53 7.21 -31.08 -7.95
CA LYS C 53 7.81 -30.93 -9.26
C LYS C 53 9.01 -29.94 -9.20
N PRO C 54 10.12 -30.22 -9.94
CA PRO C 54 11.33 -29.34 -9.97
C PRO C 54 11.65 -28.76 -11.35
N ARG C 55 12.95 -28.49 -11.64
CA ARG C 55 13.49 -27.99 -12.97
C ARG C 55 14.64 -26.94 -13.01
N GLU C 56 15.76 -27.30 -13.66
CA GLU C 56 16.98 -26.44 -13.71
C GLU C 56 16.82 -25.10 -14.44
N GLN C 57 17.41 -24.05 -13.82
CA GLN C 57 17.38 -22.64 -14.30
C GLN C 57 18.79 -22.02 -14.08
N GLN C 58 19.53 -21.94 -15.18
CA GLN C 58 20.91 -21.50 -15.22
C GLN C 58 21.02 -19.99 -15.40
N TYR C 59 21.86 -19.38 -14.55
CA TYR C 59 22.14 -17.90 -14.58
C TYR C 59 23.15 -17.40 -13.55
N ASN C 60 23.56 -16.12 -13.70
CA ASN C 60 24.53 -15.48 -12.79
C ASN C 60 25.86 -16.24 -13.00
N SER C 61 25.96 -17.34 -12.27
CA SER C 61 27.08 -18.26 -12.27
C SER C 61 26.74 -19.38 -11.28
N THR C 62 25.46 -19.43 -10.89
CA THR C 62 24.91 -20.44 -9.96
C THR C 62 23.58 -20.91 -10.55
N TYR C 63 23.12 -22.10 -10.16
CA TYR C 63 21.84 -22.59 -10.68
C TYR C 63 20.73 -22.09 -9.74
N ARG C 64 19.51 -22.58 -9.94
CA ARG C 64 18.39 -22.22 -9.04
C ARG C 64 17.26 -23.25 -9.15
N VAL C 65 17.41 -24.30 -8.34
CA VAL C 65 16.45 -25.41 -8.34
C VAL C 65 15.17 -24.95 -7.68
N VAL C 66 14.03 -25.33 -8.24
CA VAL C 66 12.74 -24.98 -7.64
C VAL C 66 11.72 -26.12 -7.66
N SER C 67 11.15 -26.41 -6.50
CA SER C 67 10.15 -27.45 -6.41
C SER C 67 8.88 -26.75 -5.99
N VAL C 68 7.72 -27.34 -6.29
CA VAL C 68 6.46 -26.72 -5.93
C VAL C 68 5.43 -27.74 -5.47
N LEU C 69 4.93 -27.62 -4.24
CA LEU C 69 3.93 -28.57 -3.71
C LEU C 69 2.51 -28.07 -3.79
N THR C 70 1.64 -28.77 -4.51
CA THR C 70 0.22 -28.34 -4.58
C THR C 70 -0.45 -28.57 -3.23
N VAL C 71 -0.88 -27.49 -2.61
CA VAL C 71 -1.50 -27.55 -1.30
C VAL C 71 -2.98 -27.88 -1.35
N LEU C 72 -3.57 -28.05 -0.18
CA LEU C 72 -4.98 -28.35 -0.05
C LEU C 72 -5.63 -27.11 0.53
N HIS C 73 -6.58 -26.56 -0.20
CA HIS C 73 -7.27 -25.35 0.22
C HIS C 73 -7.60 -25.35 1.70
N GLN C 74 -8.32 -26.36 2.17
CA GLN C 74 -8.70 -26.42 3.58
C GLN C 74 -7.57 -26.59 4.62
N ASN C 75 -6.51 -27.29 4.26
CA ASN C 75 -5.42 -27.44 5.22
C ASN C 75 -4.73 -26.10 5.50
N TRP C 76 -4.28 -25.44 4.43
CA TRP C 76 -3.60 -24.16 4.55
C TRP C 76 -4.49 -23.24 5.32
N LEU C 77 -5.77 -23.30 4.96
CA LEU C 77 -6.80 -22.49 5.57
C LEU C 77 -7.09 -22.86 6.99
N ASP C 78 -6.62 -24.04 7.38
CA ASP C 78 -6.80 -24.48 8.74
C ASP C 78 -5.46 -24.38 9.48
N GLY C 79 -4.52 -23.70 8.84
CA GLY C 79 -3.24 -23.54 9.46
C GLY C 79 -2.49 -24.84 9.64
N LYS C 80 -2.14 -25.45 8.52
CA LYS C 80 -1.34 -26.67 8.54
C LYS C 80 0.10 -26.20 8.29
N GLU C 81 1.08 -27.07 8.55
CA GLU C 81 2.46 -26.65 8.35
C GLU C 81 3.16 -27.20 7.11
N TYR C 82 3.64 -26.32 6.24
CA TYR C 82 4.34 -26.81 5.05
C TYR C 82 5.89 -26.81 5.16
N LYS C 83 6.48 -27.98 4.98
CA LYS C 83 7.92 -28.13 5.12
C LYS C 83 8.74 -28.44 3.86
N CYS C 84 9.70 -27.56 3.58
CA CYS C 84 10.59 -27.76 2.46
C CYS C 84 11.91 -28.16 3.06
N LYS C 85 12.37 -29.34 2.66
CA LYS C 85 13.62 -29.94 3.14
C LYS C 85 14.59 -30.14 1.96
N VAL C 86 15.59 -29.27 1.92
CA VAL C 86 16.60 -29.24 0.88
C VAL C 86 17.85 -29.94 1.39
N SER C 87 18.46 -30.75 0.53
CA SER C 87 19.71 -31.47 0.84
C SER C 87 20.53 -31.57 -0.46
N ASN C 88 21.86 -31.60 -0.33
CA ASN C 88 22.74 -31.67 -1.52
C ASN C 88 24.17 -31.75 -0.99
N LYS C 89 25.04 -32.49 -1.67
CA LYS C 89 26.40 -32.64 -1.14
C LYS C 89 27.21 -31.40 -0.78
N ALA C 90 26.89 -30.25 -1.40
CA ALA C 90 27.61 -28.99 -1.13
C ALA C 90 27.27 -28.43 0.29
N LEU C 91 26.56 -29.21 1.07
CA LEU C 91 26.17 -28.74 2.40
C LEU C 91 26.48 -29.80 3.44
N PRO C 92 26.67 -29.39 4.71
CA PRO C 92 26.96 -30.35 5.78
C PRO C 92 25.72 -31.10 6.22
N ALA C 93 24.61 -30.37 6.29
CA ALA C 93 23.38 -30.98 6.74
C ALA C 93 22.11 -30.31 6.23
N PRO C 94 21.00 -31.09 6.18
CA PRO C 94 19.67 -30.67 5.72
C PRO C 94 19.19 -29.34 6.27
N ILE C 95 18.67 -28.50 5.38
CA ILE C 95 18.10 -27.22 5.78
C ILE C 95 16.60 -27.44 5.74
N GLU C 96 15.88 -26.76 6.64
CA GLU C 96 14.43 -26.88 6.70
C GLU C 96 13.67 -25.60 7.00
N LYS C 97 12.89 -25.13 6.03
CA LYS C 97 12.09 -23.94 6.27
C LYS C 97 10.64 -24.39 6.40
N THR C 98 9.92 -23.80 7.36
CA THR C 98 8.52 -24.13 7.53
C THR C 98 7.80 -22.86 7.17
N ILE C 99 6.49 -22.94 7.09
CA ILE C 99 5.72 -21.79 6.71
C ILE C 99 4.31 -22.10 7.08
N SER C 100 3.57 -21.07 7.45
CA SER C 100 2.19 -21.28 7.86
C SER C 100 1.32 -20.07 7.53
N LYS C 101 0.01 -20.29 7.60
CA LYS C 101 -0.89 -19.20 7.33
C LYS C 101 -0.96 -18.38 8.61
N ALA C 102 -0.87 -17.08 8.41
CA ALA C 102 -0.98 -16.12 9.47
C ALA C 102 -1.91 -16.63 10.57
N LYS C 103 -1.61 -16.26 11.82
CA LYS C 103 -2.43 -16.71 12.94
C LYS C 103 -3.09 -15.55 13.66
N GLY C 104 -4.36 -15.75 13.99
CA GLY C 104 -5.11 -14.76 14.70
C GLY C 104 -6.59 -15.01 14.47
N GLN C 105 -7.44 -14.59 15.38
CA GLN C 105 -8.86 -14.79 15.15
C GLN C 105 -9.13 -13.90 13.94
N PRO C 106 -9.77 -14.44 12.90
CA PRO C 106 -10.13 -13.77 11.65
C PRO C 106 -11.28 -12.81 11.81
N ARG C 107 -11.13 -11.60 11.32
CA ARG C 107 -12.22 -10.65 11.43
C ARG C 107 -12.85 -10.49 10.07
N GLU C 108 -14.14 -10.83 9.99
CA GLU C 108 -14.86 -10.69 8.74
C GLU C 108 -14.77 -9.25 8.26
N PRO C 109 -14.47 -9.06 6.98
CA PRO C 109 -14.35 -7.72 6.44
C PRO C 109 -15.71 -7.18 6.08
N GLN C 110 -15.78 -5.86 6.10
CA GLN C 110 -16.98 -5.16 5.71
C GLN C 110 -16.67 -4.58 4.31
N VAL C 111 -17.63 -4.67 3.37
CA VAL C 111 -17.48 -4.20 1.98
C VAL C 111 -18.46 -3.12 1.54
N TYR C 112 -18.07 -1.84 1.58
CA TYR C 112 -18.96 -0.72 1.15
C TYR C 112 -18.53 -0.26 -0.22
N THR C 113 -19.44 0.35 -0.97
CA THR C 113 -19.08 0.85 -2.27
C THR C 113 -19.52 2.28 -2.41
N LEU C 114 -18.67 3.11 -3.02
CA LEU C 114 -18.96 4.53 -3.23
C LEU C 114 -18.77 4.89 -4.69
N PRO C 115 -19.68 5.69 -5.24
CA PRO C 115 -19.69 6.15 -6.60
C PRO C 115 -18.73 7.30 -6.71
N PRO C 116 -18.55 7.86 -7.91
CA PRO C 116 -17.64 8.95 -8.12
C PRO C 116 -18.07 10.22 -7.45
N SER C 117 -17.14 11.14 -7.38
CA SER C 117 -17.38 12.42 -6.79
C SER C 117 -18.24 13.20 -7.76
N ARG C 118 -19.11 14.04 -7.22
CA ARG C 118 -19.94 14.87 -8.08
C ARG C 118 -18.95 15.67 -8.94
N GLU C 119 -17.79 15.99 -8.38
CA GLU C 119 -16.76 16.77 -9.10
C GLU C 119 -15.92 16.04 -10.14
N GLU C 120 -15.78 14.73 -10.03
CA GLU C 120 -14.98 14.03 -11.02
C GLU C 120 -15.81 13.73 -12.28
N MET C 121 -17.10 14.07 -12.27
CA MET C 121 -18.01 13.79 -13.40
C MET C 121 -17.76 14.66 -14.61
N THR C 122 -17.20 15.83 -14.33
CA THR C 122 -16.83 16.83 -15.33
C THR C 122 -15.92 16.20 -16.39
N LYS C 123 -15.27 15.12 -16.01
CA LYS C 123 -14.35 14.41 -16.88
C LYS C 123 -14.93 13.31 -17.79
N ASN C 124 -13.99 12.67 -18.49
CA ASN C 124 -14.19 11.59 -19.47
C ASN C 124 -14.33 10.16 -18.96
N GLN C 125 -13.63 9.86 -17.86
CA GLN C 125 -13.70 8.55 -17.24
C GLN C 125 -13.81 8.84 -15.74
N VAL C 126 -14.70 8.13 -15.04
CA VAL C 126 -14.85 8.31 -13.59
C VAL C 126 -14.44 7.09 -12.82
N SER C 127 -14.26 7.27 -11.52
CA SER C 127 -13.77 6.18 -10.70
C SER C 127 -14.76 5.58 -9.71
N LEU C 128 -15.01 4.28 -9.82
CA LEU C 128 -15.88 3.56 -8.89
C LEU C 128 -14.97 3.03 -7.79
N THR C 129 -15.25 3.40 -6.53
CA THR C 129 -14.45 2.96 -5.39
C THR C 129 -15.15 1.85 -4.64
N CYS C 130 -14.39 0.86 -4.15
CA CYS C 130 -14.91 -0.27 -3.37
C CYS C 130 -14.11 -0.45 -2.07
N LEU C 131 -14.69 -0.06 -0.93
CA LEU C 131 -14.04 -0.18 0.38
C LEU C 131 -14.20 -1.57 1.00
N VAL C 132 -13.13 -2.05 1.63
CA VAL C 132 -13.13 -3.33 2.32
C VAL C 132 -12.32 -3.07 3.57
N LYS C 133 -12.99 -2.73 4.67
CA LYS C 133 -12.29 -2.41 5.93
C LYS C 133 -12.58 -3.34 7.09
N GLY C 134 -11.72 -3.22 8.09
CA GLY C 134 -11.88 -4.05 9.26
C GLY C 134 -11.77 -5.52 8.99
N PHE C 135 -10.58 -5.99 8.61
CA PHE C 135 -10.44 -7.42 8.39
C PHE C 135 -9.08 -7.92 8.80
N TYR C 136 -9.00 -9.23 8.94
CA TYR C 136 -7.75 -9.86 9.29
C TYR C 136 -8.07 -11.29 9.09
N PRO C 137 -7.09 -12.06 8.64
CA PRO C 137 -5.73 -11.63 8.34
C PRO C 137 -5.69 -10.72 7.10
N SER C 138 -4.53 -10.14 6.77
CA SER C 138 -4.46 -9.28 5.60
C SER C 138 -4.55 -9.96 4.21
N ASP C 139 -4.54 -11.29 4.16
CA ASP C 139 -4.64 -12.01 2.88
C ASP C 139 -6.06 -11.87 2.32
N ILE C 140 -6.25 -11.21 1.18
CA ILE C 140 -7.58 -11.04 0.62
C ILE C 140 -7.46 -10.70 -0.83
N ALA C 141 -8.56 -10.77 -1.56
CA ALA C 141 -8.49 -10.40 -2.96
C ALA C 141 -9.79 -9.91 -3.51
N VAL C 142 -9.74 -8.77 -4.20
CA VAL C 142 -10.93 -8.16 -4.75
C VAL C 142 -10.91 -8.27 -6.25
N GLU C 143 -12.10 -8.19 -6.85
CA GLU C 143 -12.29 -8.22 -8.30
C GLU C 143 -13.52 -7.36 -8.55
N TRP C 144 -13.73 -6.99 -9.81
CA TRP C 144 -14.90 -6.21 -10.19
C TRP C 144 -15.54 -6.91 -11.38
N GLU C 145 -16.80 -6.59 -11.63
CA GLU C 145 -17.54 -7.17 -12.76
C GLU C 145 -18.75 -6.30 -12.96
N SER C 146 -19.22 -6.20 -14.19
CA SER C 146 -20.43 -5.46 -14.50
C SER C 146 -21.41 -6.62 -14.80
N ASN C 147 -22.36 -6.48 -15.71
CA ASN C 147 -23.31 -7.58 -15.93
C ASN C 147 -22.65 -8.88 -16.35
N GLY C 148 -22.51 -9.75 -15.34
CA GLY C 148 -21.94 -11.09 -15.46
C GLY C 148 -20.53 -11.19 -16.06
N GLN C 149 -20.04 -10.04 -16.52
CA GLN C 149 -18.73 -9.96 -17.12
C GLN C 149 -17.81 -9.10 -16.29
N PRO C 150 -16.52 -9.47 -16.28
CA PRO C 150 -15.44 -8.81 -15.55
C PRO C 150 -14.79 -7.63 -16.24
N GLU C 151 -14.73 -6.53 -15.51
CA GLU C 151 -14.08 -5.35 -16.01
C GLU C 151 -12.63 -5.66 -15.75
N ASN C 152 -11.74 -4.81 -16.21
CA ASN C 152 -10.33 -5.05 -15.98
C ASN C 152 -9.68 -3.83 -15.46
N ASN C 153 -9.94 -2.70 -16.12
CA ASN C 153 -9.30 -1.45 -15.75
C ASN C 153 -9.62 -1.07 -14.32
N TYR C 154 -8.91 -1.67 -13.38
CA TYR C 154 -9.11 -1.40 -11.96
C TYR C 154 -7.79 -1.60 -11.27
N LYS C 155 -7.64 -1.03 -10.07
CA LYS C 155 -6.42 -1.20 -9.27
C LYS C 155 -6.76 -1.40 -7.82
N THR C 156 -5.91 -2.10 -7.08
CA THR C 156 -6.24 -2.37 -5.70
C THR C 156 -5.11 -2.15 -4.73
N THR C 157 -5.25 -1.16 -3.86
CA THR C 157 -4.21 -0.86 -2.90
C THR C 157 -4.06 -2.01 -1.94
N PRO C 158 -2.82 -2.36 -1.59
CA PRO C 158 -2.48 -3.43 -0.68
C PRO C 158 -3.12 -3.14 0.65
N PRO C 159 -3.29 -4.16 1.48
CA PRO C 159 -3.90 -4.01 2.79
C PRO C 159 -2.98 -3.18 3.62
N VAL C 160 -3.59 -2.32 4.43
CA VAL C 160 -2.91 -1.41 5.37
C VAL C 160 -3.46 -1.74 6.73
N LEU C 161 -2.66 -1.58 7.76
CA LEU C 161 -3.10 -1.86 9.13
C LEU C 161 -3.87 -0.68 9.66
N ASP C 162 -5.07 -0.94 10.16
CA ASP C 162 -5.92 0.11 10.71
C ASP C 162 -5.65 0.16 12.19
N SER C 163 -6.08 1.25 12.82
CA SER C 163 -5.88 1.52 14.25
C SER C 163 -6.55 0.57 15.26
N ASP C 164 -7.44 -0.32 14.79
CA ASP C 164 -8.11 -1.25 15.68
C ASP C 164 -7.64 -2.67 15.46
N GLY C 165 -6.43 -2.84 14.93
CA GLY C 165 -5.94 -4.18 14.71
C GLY C 165 -6.49 -4.80 13.45
N SER C 166 -7.59 -4.29 12.93
CA SER C 166 -8.16 -4.83 11.69
C SER C 166 -7.44 -4.17 10.50
N PHE C 167 -7.65 -4.71 9.31
CA PHE C 167 -7.01 -4.19 8.10
C PHE C 167 -8.03 -3.43 7.21
N PHE C 168 -7.53 -2.72 6.20
CA PHE C 168 -8.42 -2.00 5.28
C PHE C 168 -7.71 -1.83 3.94
N LEU C 169 -8.42 -2.05 2.83
CA LEU C 169 -7.84 -1.88 1.51
C LEU C 169 -8.88 -1.13 0.68
N TYR C 170 -8.44 -0.38 -0.32
CA TYR C 170 -9.30 0.38 -1.23
C TYR C 170 -9.01 -0.20 -2.57
N SER C 171 -10.02 -0.34 -3.42
CA SER C 171 -9.85 -0.88 -4.78
C SER C 171 -10.63 -0.02 -5.75
N LYS C 172 -9.95 0.62 -6.70
CA LYS C 172 -10.59 1.55 -7.64
C LYS C 172 -10.73 1.11 -9.14
N LEU C 173 -11.98 0.92 -9.60
CA LEU C 173 -12.35 0.53 -10.99
C LEU C 173 -12.75 1.73 -11.81
N THR C 174 -12.24 1.83 -13.03
CA THR C 174 -12.54 2.98 -13.90
C THR C 174 -13.45 2.76 -15.08
N VAL C 175 -14.10 3.82 -15.52
CA VAL C 175 -15.00 3.73 -16.66
C VAL C 175 -15.22 5.01 -17.47
N ASP C 176 -15.56 4.86 -18.74
CA ASP C 176 -15.84 6.04 -19.55
C ASP C 176 -17.05 6.58 -18.83
N LYS C 177 -17.16 7.88 -18.72
CA LYS C 177 -18.29 8.42 -18.02
C LYS C 177 -19.62 7.90 -18.53
N SER C 178 -19.68 7.54 -19.81
CA SER C 178 -20.96 7.10 -20.35
C SER C 178 -21.60 5.90 -19.63
N ARG C 179 -20.90 4.77 -19.55
CA ARG C 179 -21.47 3.60 -18.88
C ARG C 179 -21.99 3.98 -17.50
N TRP C 180 -21.22 4.81 -16.79
CA TRP C 180 -21.62 5.19 -15.45
C TRP C 180 -22.95 5.87 -15.45
N GLN C 181 -23.17 6.68 -16.48
CA GLN C 181 -24.40 7.42 -16.63
C GLN C 181 -25.50 6.62 -17.28
N GLN C 182 -25.14 5.74 -18.20
CA GLN C 182 -26.12 4.93 -18.90
C GLN C 182 -26.94 4.25 -17.83
N GLY C 183 -26.33 4.03 -16.66
CA GLY C 183 -27.01 3.41 -15.55
C GLY C 183 -26.53 2.00 -15.24
N ASN C 184 -25.33 1.67 -15.73
CA ASN C 184 -24.74 0.35 -15.51
C ASN C 184 -24.55 -0.08 -14.06
N VAL C 185 -24.67 -1.38 -13.82
CA VAL C 185 -24.56 -1.98 -12.50
C VAL C 185 -23.17 -2.53 -12.30
N PHE C 186 -22.28 -1.78 -11.64
CA PHE C 186 -20.95 -2.33 -11.40
C PHE C 186 -20.97 -3.14 -10.13
N SER C 187 -20.00 -4.03 -9.98
CA SER C 187 -20.05 -4.88 -8.81
C SER C 187 -18.70 -5.35 -8.39
N CYS C 188 -18.34 -4.96 -7.18
CA CYS C 188 -17.05 -5.28 -6.57
C CYS C 188 -17.12 -6.51 -5.73
N SER C 189 -16.63 -7.63 -6.23
CA SER C 189 -16.66 -8.88 -5.47
C SER C 189 -15.47 -8.88 -4.53
N VAL C 190 -15.66 -9.31 -3.29
CA VAL C 190 -14.56 -9.37 -2.35
C VAL C 190 -14.49 -10.81 -1.97
N MET C 191 -13.27 -11.35 -1.86
CA MET C 191 -13.07 -12.74 -1.47
C MET C 191 -12.27 -12.82 -0.20
N HIS C 192 -12.80 -13.51 0.79
CA HIS C 192 -12.04 -13.57 2.01
C HIS C 192 -12.30 -14.77 2.86
N GLU C 193 -11.27 -15.16 3.60
CA GLU C 193 -11.36 -16.27 4.52
C GLU C 193 -12.51 -16.08 5.49
N ALA C 194 -12.73 -14.87 5.96
CA ALA C 194 -13.75 -14.66 6.97
C ALA C 194 -15.18 -14.60 6.56
N LEU C 195 -15.47 -14.27 5.31
CA LEU C 195 -16.87 -14.15 4.90
C LEU C 195 -17.62 -15.45 4.80
N HIS C 196 -18.93 -15.34 4.75
CA HIS C 196 -19.76 -16.53 4.64
C HIS C 196 -19.53 -16.97 3.21
N ASN C 197 -19.11 -18.20 3.02
CA ASN C 197 -18.88 -18.75 1.70
C ASN C 197 -17.63 -18.24 1.04
N HIS C 198 -16.74 -17.64 1.83
CA HIS C 198 -15.48 -17.15 1.29
C HIS C 198 -15.78 -16.18 0.14
N TYR C 199 -16.90 -15.44 0.25
CA TYR C 199 -17.27 -14.56 -0.83
C TYR C 199 -18.42 -13.63 -0.53
N THR C 200 -18.46 -12.52 -1.24
CA THR C 200 -19.52 -11.53 -1.12
C THR C 200 -19.43 -10.78 -2.41
N GLN C 201 -20.23 -9.74 -2.58
CA GLN C 201 -20.17 -9.02 -3.81
C GLN C 201 -21.19 -7.99 -3.60
N LYS C 202 -20.77 -6.75 -3.45
CA LYS C 202 -21.76 -5.75 -3.24
C LYS C 202 -21.87 -4.90 -4.48
N SER C 203 -23.09 -4.52 -4.83
CA SER C 203 -23.28 -3.75 -6.03
C SER C 203 -22.85 -2.30 -6.01
N LEU C 204 -23.40 -1.57 -6.96
CA LEU C 204 -23.08 -0.20 -7.10
C LEU C 204 -23.69 0.23 -8.43
N SER C 205 -24.64 1.15 -8.37
CA SER C 205 -25.27 1.63 -9.58
C SER C 205 -25.72 3.06 -9.41
N LEU C 206 -25.96 3.71 -10.53
CA LEU C 206 -26.38 5.09 -10.52
C LEU C 206 -27.70 5.25 -9.78
N THR D 1 -18.09 -25.07 -21.41
CA THR D 1 -19.18 -24.30 -20.76
C THR D 1 -20.12 -25.22 -19.96
N THR D 2 -21.03 -24.62 -19.18
CA THR D 2 -22.01 -25.38 -18.39
C THR D 2 -21.54 -26.13 -17.11
N TYR D 3 -21.64 -25.47 -15.95
CA TYR D 3 -21.25 -26.09 -14.67
C TYR D 3 -22.48 -26.17 -13.81
N LYS D 4 -22.59 -27.27 -13.05
CA LYS D 4 -23.74 -27.47 -12.16
C LYS D 4 -23.31 -27.52 -10.69
N LEU D 5 -24.15 -26.96 -9.80
CA LEU D 5 -23.90 -26.90 -8.36
C LEU D 5 -24.78 -27.84 -7.56
N VAL D 6 -24.16 -28.44 -6.55
CA VAL D 6 -24.85 -29.37 -5.67
C VAL D 6 -24.92 -28.79 -4.26
N ILE D 7 -26.11 -28.45 -3.80
CA ILE D 7 -26.26 -27.91 -2.46
C ILE D 7 -26.77 -28.98 -1.47
N ASN D 8 -25.89 -29.52 -0.63
CA ASN D 8 -26.26 -30.48 0.41
C ASN D 8 -26.25 -29.65 1.66
N GLY D 9 -27.13 -28.67 1.73
CA GLY D 9 -27.14 -27.80 2.89
C GLY D 9 -28.26 -28.11 3.84
N LYS D 10 -28.16 -27.59 5.06
CA LYS D 10 -29.20 -27.78 6.08
C LYS D 10 -30.54 -27.41 5.48
N THR D 11 -31.54 -28.27 5.61
CA THR D 11 -32.85 -27.88 5.14
C THR D 11 -32.95 -27.18 3.74
N LEU D 12 -32.10 -27.62 2.82
CA LEU D 12 -32.08 -27.20 1.42
C LEU D 12 -31.20 -28.16 0.67
N LYS D 13 -31.85 -29.09 -0.03
CA LYS D 13 -31.14 -30.07 -0.85
C LYS D 13 -31.53 -29.78 -2.30
N GLY D 14 -30.56 -29.85 -3.21
CA GLY D 14 -30.85 -29.57 -4.61
C GLY D 14 -29.69 -29.32 -5.57
N GLU D 15 -30.03 -28.92 -6.80
CA GLU D 15 -29.03 -28.66 -7.82
C GLU D 15 -29.40 -27.66 -8.91
N THR D 16 -28.38 -27.00 -9.44
CA THR D 16 -28.57 -26.01 -10.50
C THR D 16 -27.41 -25.91 -11.46
N THR D 17 -27.64 -25.20 -12.57
CA THR D 17 -26.66 -25.04 -13.64
C THR D 17 -26.40 -23.60 -14.04
N THR D 18 -25.24 -23.37 -14.65
CA THR D 18 -24.91 -22.06 -15.13
C THR D 18 -24.01 -22.05 -16.33
N GLU D 19 -24.31 -21.12 -17.22
CA GLU D 19 -23.59 -20.92 -18.44
C GLU D 19 -22.44 -20.03 -18.05
N ALA D 20 -21.22 -20.49 -18.28
CA ALA D 20 -20.06 -19.67 -17.94
C ALA D 20 -18.85 -19.89 -18.86
N VAL D 21 -17.88 -18.99 -18.73
CA VAL D 21 -16.65 -19.08 -19.49
C VAL D 21 -15.81 -20.13 -18.76
N ASP D 22 -14.92 -19.65 -17.89
CA ASP D 22 -14.01 -20.46 -17.07
C ASP D 22 -14.72 -21.02 -15.84
N ALA D 23 -14.13 -22.01 -15.18
CA ALA D 23 -14.77 -22.60 -13.99
C ALA D 23 -14.89 -21.57 -12.89
N ALA D 24 -13.88 -20.73 -12.78
CA ALA D 24 -13.93 -19.72 -11.75
C ALA D 24 -15.11 -18.77 -11.94
N THR D 25 -15.64 -18.61 -13.16
CA THR D 25 -16.80 -17.71 -13.24
C THR D 25 -18.07 -18.53 -13.14
N ALA D 26 -17.90 -19.67 -12.48
CA ALA D 26 -19.00 -20.54 -12.21
C ALA D 26 -19.02 -20.38 -10.73
N GLU D 27 -17.86 -20.61 -10.12
CA GLU D 27 -17.73 -20.48 -8.67
C GLU D 27 -18.34 -19.18 -8.23
N LYS D 28 -17.90 -18.04 -8.77
CA LYS D 28 -18.50 -16.77 -8.37
C LYS D 28 -20.03 -16.69 -8.61
N VAL D 29 -20.52 -17.35 -9.64
CA VAL D 29 -21.96 -17.36 -9.90
C VAL D 29 -22.66 -18.19 -8.80
N PHE D 30 -22.44 -19.52 -8.81
CA PHE D 30 -23.04 -20.37 -7.80
C PHE D 30 -22.83 -19.83 -6.41
N LYS D 31 -21.58 -19.62 -6.04
CA LYS D 31 -21.30 -19.13 -4.73
C LYS D 31 -22.19 -17.99 -4.33
N GLN D 32 -22.57 -17.14 -5.26
CA GLN D 32 -23.46 -16.03 -4.91
C GLN D 32 -24.86 -16.57 -4.66
N TYR D 33 -25.30 -17.49 -5.53
CA TYR D 33 -26.61 -18.12 -5.40
C TYR D 33 -26.65 -18.66 -3.96
N ALA D 34 -25.54 -19.27 -3.55
CA ALA D 34 -25.35 -19.84 -2.22
C ALA D 34 -25.59 -18.88 -1.07
N ASN D 35 -25.20 -17.62 -1.20
CA ASN D 35 -25.45 -16.68 -0.12
C ASN D 35 -26.79 -16.00 -0.34
N ASP D 36 -27.32 -16.11 -1.54
CA ASP D 36 -28.60 -15.51 -1.78
C ASP D 36 -29.62 -16.38 -1.10
N ASN D 37 -29.22 -17.61 -0.80
CA ASN D 37 -30.09 -18.60 -0.18
C ASN D 37 -29.79 -18.97 1.26
N GLY D 38 -28.65 -18.50 1.78
CA GLY D 38 -28.33 -18.79 3.16
C GLY D 38 -27.70 -20.14 3.35
N VAL D 39 -27.00 -20.60 2.33
CA VAL D 39 -26.28 -21.86 2.38
C VAL D 39 -24.89 -21.37 2.76
N ASP D 40 -24.17 -22.14 3.55
CA ASP D 40 -22.84 -21.72 3.92
C ASP D 40 -22.13 -23.00 4.24
N GLY D 41 -21.09 -23.31 3.49
CA GLY D 41 -20.39 -24.57 3.73
C GLY D 41 -19.02 -24.70 3.12
N GLU D 42 -18.63 -25.94 2.84
CA GLU D 42 -17.34 -26.17 2.23
C GLU D 42 -17.57 -26.42 0.77
N TRP D 43 -16.60 -26.08 -0.06
CA TRP D 43 -16.81 -26.28 -1.48
C TRP D 43 -15.79 -27.24 -2.18
N THR D 44 -16.26 -27.76 -3.32
CA THR D 44 -15.49 -28.70 -4.15
C THR D 44 -15.87 -28.61 -5.61
N TYR D 45 -14.92 -28.99 -6.45
CA TYR D 45 -15.11 -29.00 -7.88
C TYR D 45 -15.11 -30.48 -8.32
N ASP D 46 -14.64 -30.75 -9.55
CA ASP D 46 -14.54 -32.11 -10.13
C ASP D 46 -14.65 -32.00 -11.65
N ASP D 47 -13.61 -31.47 -12.29
CA ASP D 47 -13.62 -31.29 -13.73
C ASP D 47 -14.10 -32.50 -14.55
N ALA D 48 -13.95 -33.68 -13.95
CA ALA D 48 -14.39 -34.92 -14.55
C ALA D 48 -15.86 -34.69 -14.83
N THR D 49 -16.52 -34.07 -13.87
CA THR D 49 -17.94 -33.80 -13.95
C THR D 49 -18.32 -32.35 -14.09
N LYS D 50 -17.35 -31.44 -14.02
CA LYS D 50 -17.64 -29.99 -14.11
C LYS D 50 -18.69 -29.61 -13.08
N THR D 51 -18.48 -30.12 -11.88
CA THR D 51 -19.42 -29.91 -10.80
C THR D 51 -18.81 -29.22 -9.58
N PHE D 52 -19.73 -28.68 -8.77
CA PHE D 52 -19.45 -27.97 -7.54
C PHE D 52 -20.30 -28.59 -6.44
N THR D 53 -19.77 -28.55 -5.22
CA THR D 53 -20.48 -29.10 -4.06
C THR D 53 -20.43 -28.26 -2.77
N VAL D 54 -21.61 -27.84 -2.30
CA VAL D 54 -21.77 -27.10 -1.04
C VAL D 54 -22.25 -28.06 0.04
N THR D 55 -21.49 -28.16 1.11
CA THR D 55 -21.85 -29.07 2.18
C THR D 55 -21.93 -28.27 3.45
N GLU D 56 -23.14 -27.87 3.82
CA GLU D 56 -23.29 -27.11 5.05
C GLU D 56 -22.82 -28.03 6.14
#